data_1WB5
#
_entry.id   1WB5
#
_cell.length_a   64.933
_cell.length_b   108.631
_cell.length_c   112.969
_cell.angle_alpha   90.00
_cell.angle_beta   90.00
_cell.angle_gamma   90.00
#
_symmetry.space_group_name_H-M   'P 21 21 21'
#
loop_
_entity.id
_entity.type
_entity.pdbx_description
1 polymer 'ENDO-1,4-BETA-XYLANASE Y'
2 non-polymer SYRINGATE
3 non-polymer GLYCEROL
4 non-polymer 'ACETATE ION'
5 non-polymer 'CADMIUM ION'
6 water water
#
_entity_poly.entity_id   1
_entity_poly.type   'polypeptide(L)'
_entity_poly.pdbx_seq_one_letter_code
;MASDKFPVAENPSSSFKYESAVQYRPAPDSYLNPCPQAGRIVKETYTGINGTKSLNVYLPYGYDPNKKYNIFYLMHGGGE
NENTIFSNDVKLQNILDHAIMNGELEPLIVVTPTFNGGNCTAQNFYQEFRQNVIPFVESKYSTYAESTTPQGIAASRMHR
GFGGFAMGGLTTWYVMVNCLDYVAYFMPLSGDYWYGNSPQDKANSIAEAINRSGLSKREYFVFAATGSEDIAYANMNPQI
EAMKALPHFDYTSDFSKGNFYFLVAPGATHWWGYVRHYIYDALPYFFHELEHHHHHH
;
_entity_poly.pdbx_strand_id   A,B
#
loop_
_chem_comp.id
_chem_comp.type
_chem_comp.name
_chem_comp.formula
ACT non-polymer 'ACETATE ION' 'C2 H3 O2 -1'
CD non-polymer 'CADMIUM ION' 'Cd 2'
GOL non-polymer GLYCEROL 'C3 H8 O3'
SYR non-polymer SYRINGATE 'C10 H12 O5'
#
# COMPACT_ATOMS: atom_id res chain seq x y z
N SER A 15 -11.87 -37.21 1.49
CA SER A 15 -13.08 -37.32 0.63
C SER A 15 -13.16 -36.22 -0.46
N PHE A 16 -12.45 -35.12 -0.26
CA PHE A 16 -12.50 -34.00 -1.21
C PHE A 16 -11.91 -34.33 -2.58
N LYS A 17 -12.64 -33.98 -3.65
CA LYS A 17 -12.14 -34.05 -5.04
C LYS A 17 -12.36 -32.71 -5.71
N TYR A 18 -11.34 -32.20 -6.38
CA TYR A 18 -11.53 -31.00 -7.20
C TYR A 18 -12.58 -31.19 -8.30
N GLU A 19 -13.44 -30.20 -8.47
N GLU A 19 -13.43 -30.19 -8.47
CA GLU A 19 -14.26 -30.03 -9.68
CA GLU A 19 -14.25 -30.04 -9.68
C GLU A 19 -13.65 -28.89 -10.49
C GLU A 19 -13.65 -28.89 -10.49
N SER A 20 -13.90 -28.87 -11.80
CA SER A 20 -13.33 -27.82 -12.65
C SER A 20 -14.15 -26.55 -12.72
N ALA A 21 -15.42 -26.65 -12.36
CA ALA A 21 -16.30 -25.48 -12.31
C ALA A 21 -17.25 -25.61 -11.15
N VAL A 22 -16.71 -25.55 -9.95
CA VAL A 22 -17.53 -25.72 -8.78
C VAL A 22 -18.65 -24.68 -8.71
N GLN A 23 -19.82 -25.13 -8.28
CA GLN A 23 -20.99 -24.28 -8.16
C GLN A 23 -21.27 -23.93 -6.72
N TYR A 24 -21.92 -22.80 -6.53
CA TYR A 24 -22.33 -22.32 -5.22
C TYR A 24 -23.27 -23.32 -4.57
N ARG A 25 -22.99 -23.64 -3.31
CA ARG A 25 -23.86 -24.52 -2.52
C ARG A 25 -23.73 -24.05 -1.09
N PRO A 26 -24.81 -23.59 -0.45
CA PRO A 26 -24.70 -23.23 0.96
C PRO A 26 -24.42 -24.45 1.83
N ALA A 27 -23.75 -24.23 2.93
CA ALA A 27 -23.67 -25.28 3.94
C ALA A 27 -25.06 -25.63 4.39
N PRO A 28 -25.30 -26.89 4.74
CA PRO A 28 -26.62 -27.23 5.32
C PRO A 28 -26.97 -26.34 6.50
N ASP A 29 -28.27 -26.10 6.77
CA ASP A 29 -28.67 -25.26 7.88
C ASP A 29 -28.10 -25.76 9.21
N SER A 30 -27.96 -27.07 9.33
CA SER A 30 -27.42 -27.66 10.55
C SER A 30 -25.96 -27.25 10.84
N TYR A 31 -25.24 -26.84 9.81
CA TYR A 31 -23.86 -26.39 9.98
C TYR A 31 -23.76 -25.05 10.68
N LEU A 32 -24.88 -24.32 10.79
CA LEU A 32 -24.91 -23.02 11.44
C LEU A 32 -25.12 -23.10 12.95
N ASN A 33 -25.39 -24.30 13.45
CA ASN A 33 -25.55 -24.54 14.87
C ASN A 33 -24.29 -25.15 15.44
N PRO A 34 -24.05 -24.99 16.73
CA PRO A 34 -22.83 -25.51 17.34
C PRO A 34 -22.61 -27.00 17.13
N CYS A 35 -21.38 -27.37 16.84
CA CYS A 35 -20.90 -28.73 16.70
C CYS A 35 -20.27 -29.17 18.00
N PRO A 36 -20.49 -30.42 18.43
CA PRO A 36 -19.79 -30.88 19.63
C PRO A 36 -18.28 -30.96 19.49
N GLN A 37 -17.76 -31.09 18.29
CA GLN A 37 -16.31 -31.15 18.07
C GLN A 37 -15.82 -29.73 17.77
N ALA A 38 -15.88 -28.86 18.78
CA ALA A 38 -15.67 -27.44 18.58
C ALA A 38 -14.21 -27.09 18.70
N GLY A 39 -13.70 -26.41 17.68
CA GLY A 39 -12.37 -25.83 17.76
C GLY A 39 -12.33 -24.73 18.81
N ARG A 40 -11.19 -24.56 19.45
CA ARG A 40 -10.97 -23.51 20.42
C ARG A 40 -10.70 -22.20 19.72
N ILE A 41 -11.33 -21.14 20.19
CA ILE A 41 -11.06 -19.78 19.69
C ILE A 41 -10.37 -18.99 20.76
N VAL A 42 -9.17 -18.50 20.44
CA VAL A 42 -8.32 -17.81 21.40
C VAL A 42 -8.23 -16.34 21.00
N LYS A 43 -8.62 -15.46 21.90
CA LYS A 43 -8.44 -14.02 21.76
C LYS A 43 -7.02 -13.66 22.15
N GLU A 44 -6.30 -13.04 21.21
CA GLU A 44 -4.93 -12.64 21.40
C GLU A 44 -4.78 -11.15 21.30
N THR A 45 -3.77 -10.64 21.98
CA THR A 45 -3.38 -9.23 21.92
C THR A 45 -1.90 -9.16 21.70
N TYR A 46 -1.48 -8.30 20.78
CA TYR A 46 -0.09 -8.17 20.36
C TYR A 46 0.18 -6.69 20.09
N THR A 47 1.46 -6.33 20.00
CA THR A 47 1.86 -4.95 19.66
C THR A 47 2.71 -5.01 18.42
N GLY A 48 2.39 -4.16 17.46
CA GLY A 48 3.08 -4.11 16.20
C GLY A 48 3.19 -2.67 15.72
N ILE A 49 3.40 -2.52 14.42
CA ILE A 49 3.63 -1.19 13.84
C ILE A 49 2.42 -0.27 13.94
N ASN A 50 1.23 -0.85 14.17
CA ASN A 50 0.01 -0.08 14.38
C ASN A 50 -0.49 -0.10 15.82
N GLY A 51 0.42 -0.35 16.73
CA GLY A 51 0.11 -0.31 18.15
C GLY A 51 -0.41 -1.64 18.64
N THR A 52 -1.01 -1.59 19.82
CA THR A 52 -1.53 -2.79 20.45
C THR A 52 -2.91 -3.09 19.88
N LYS A 53 -3.06 -4.32 19.39
CA LYS A 53 -4.23 -4.75 18.66
C LYS A 53 -4.54 -6.19 19.03
N SER A 54 -5.73 -6.64 18.65
CA SER A 54 -6.16 -7.98 18.96
C SER A 54 -6.58 -8.73 17.69
N LEU A 55 -6.66 -10.03 17.83
CA LEU A 55 -7.13 -10.95 16.78
C LEU A 55 -7.69 -12.19 17.46
N ASN A 56 -8.42 -12.99 16.70
CA ASN A 56 -8.85 -14.30 17.18
C ASN A 56 -8.16 -15.38 16.39
N VAL A 57 -7.82 -16.48 17.07
CA VAL A 57 -7.27 -17.67 16.44
C VAL A 57 -8.19 -18.85 16.68
N TYR A 58 -8.73 -19.40 15.60
CA TYR A 58 -9.45 -20.67 15.62
C TYR A 58 -8.46 -21.79 15.46
N LEU A 59 -8.45 -22.69 16.44
CA LEU A 59 -7.69 -23.91 16.39
C LEU A 59 -8.63 -25.06 16.12
N PRO A 60 -8.27 -26.00 15.25
CA PRO A 60 -9.18 -27.08 14.94
C PRO A 60 -9.36 -28.00 16.14
N TYR A 61 -10.48 -28.69 16.18
CA TYR A 61 -10.71 -29.70 17.19
C TYR A 61 -9.65 -30.77 17.08
N GLY A 62 -9.06 -31.11 18.21
CA GLY A 62 -7.94 -32.04 18.24
C GLY A 62 -6.57 -31.44 17.93
N TYR A 63 -6.51 -30.12 17.86
CA TYR A 63 -5.25 -29.43 17.60
C TYR A 63 -4.12 -30.01 18.43
N ASP A 64 -3.08 -30.40 17.71
CA ASP A 64 -1.88 -31.03 18.29
C ASP A 64 -0.69 -30.20 17.84
N PRO A 65 -0.01 -29.49 18.76
CA PRO A 65 1.15 -28.67 18.38
C PRO A 65 2.33 -29.41 17.83
N ASN A 66 2.33 -30.72 17.92
CA ASN A 66 3.38 -31.49 17.28
C ASN A 66 3.07 -31.97 15.86
N LYS A 67 1.92 -31.51 15.35
CA LYS A 67 1.55 -31.63 13.94
C LYS A 67 1.65 -30.27 13.30
N LYS A 68 1.62 -30.21 11.99
CA LYS A 68 1.69 -28.93 11.25
C LYS A 68 0.38 -28.68 10.54
N TYR A 69 -0.17 -27.47 10.70
CA TYR A 69 -1.47 -27.11 10.13
C TYR A 69 -1.34 -26.01 9.11
N ASN A 70 -2.13 -26.15 8.04
CA ASN A 70 -2.42 -25.01 7.16
C ASN A 70 -2.92 -23.84 7.98
N ILE A 71 -2.73 -22.63 7.47
CA ILE A 71 -3.24 -21.46 8.14
C ILE A 71 -3.84 -20.49 7.13
N PHE A 72 -5.02 -19.98 7.49
CA PHE A 72 -5.82 -19.10 6.64
C PHE A 72 -6.17 -17.86 7.43
N TYR A 73 -5.74 -16.69 6.99
CA TYR A 73 -6.05 -15.43 7.61
C TYR A 73 -7.20 -14.79 6.87
N LEU A 74 -8.20 -14.31 7.61
CA LEU A 74 -9.48 -13.89 7.02
C LEU A 74 -9.92 -12.56 7.60
N MET A 75 -10.04 -11.58 6.72
CA MET A 75 -10.32 -10.21 7.11
C MET A 75 -11.79 -9.79 6.97
N HIS A 76 -12.28 -9.11 8.00
CA HIS A 76 -13.59 -8.53 8.05
C HIS A 76 -13.76 -7.39 7.04
N GLY A 77 -14.99 -6.88 7.00
CA GLY A 77 -15.37 -5.77 6.14
C GLY A 77 -15.41 -4.44 6.87
N GLY A 78 -15.81 -3.41 6.15
CA GLY A 78 -15.89 -2.07 6.72
C GLY A 78 -16.88 -2.02 7.87
N GLY A 79 -16.50 -1.31 8.92
CA GLY A 79 -17.35 -1.16 10.08
C GLY A 79 -17.32 -2.35 11.03
N GLU A 80 -16.52 -3.35 10.71
CA GLU A 80 -16.47 -4.59 11.49
C GLU A 80 -15.18 -4.64 12.26
N ASN A 81 -14.91 -5.77 12.91
N ASN A 81 -14.93 -5.75 12.95
CA ASN A 81 -13.72 -5.89 13.73
CA ASN A 81 -13.72 -5.91 13.73
C ASN A 81 -13.28 -7.36 13.81
C ASN A 81 -13.28 -7.38 13.81
N GLU A 82 -12.20 -7.61 14.54
CA GLU A 82 -11.61 -8.95 14.68
C GLU A 82 -12.53 -9.99 15.30
N ASN A 83 -13.61 -9.54 15.93
CA ASN A 83 -14.59 -10.43 16.56
C ASN A 83 -15.78 -10.75 15.68
N THR A 84 -15.94 -10.05 14.57
CA THR A 84 -17.16 -10.18 13.81
C THR A 84 -17.39 -11.57 13.25
N ILE A 85 -16.37 -12.15 12.64
CA ILE A 85 -16.56 -13.38 11.89
C ILE A 85 -16.93 -14.57 12.81
N PHE A 86 -16.47 -14.57 14.06
CA PHE A 86 -16.86 -15.58 15.04
C PHE A 86 -17.98 -15.14 15.95
N SER A 87 -18.59 -13.99 15.65
CA SER A 87 -19.74 -13.51 16.43
C SER A 87 -21.02 -14.22 16.02
N ASN A 88 -22.07 -13.95 16.77
CA ASN A 88 -23.39 -14.47 16.44
C ASN A 88 -23.95 -14.00 15.13
N ASP A 89 -23.42 -12.92 14.56
CA ASP A 89 -23.91 -12.41 13.27
C ASP A 89 -23.34 -13.20 12.09
N VAL A 90 -22.35 -14.07 12.32
CA VAL A 90 -21.73 -14.79 11.22
C VAL A 90 -21.59 -16.28 11.55
N LYS A 91 -20.98 -16.60 12.70
CA LYS A 91 -20.88 -17.99 13.17
C LYS A 91 -20.04 -18.89 12.27
N LEU A 92 -19.00 -18.32 11.68
CA LEU A 92 -18.18 -19.12 10.79
C LEU A 92 -17.58 -20.34 11.48
N GLN A 93 -17.27 -20.24 12.78
CA GLN A 93 -16.69 -21.37 13.48
C GLN A 93 -17.57 -22.63 13.47
N ASN A 94 -18.88 -22.44 13.43
CA ASN A 94 -19.78 -23.59 13.38
C ASN A 94 -19.62 -24.30 12.05
N ILE A 95 -19.55 -23.54 10.96
CA ILE A 95 -19.30 -24.12 9.66
C ILE A 95 -17.95 -24.83 9.61
N LEU A 96 -16.89 -24.17 10.12
CA LEU A 96 -15.57 -24.79 10.18
C LEU A 96 -15.61 -26.10 10.97
N ASP A 97 -16.20 -26.04 12.15
CA ASP A 97 -16.22 -27.23 13.01
C ASP A 97 -16.92 -28.39 12.32
N HIS A 98 -18.09 -28.13 11.74
CA HIS A 98 -18.85 -29.21 11.08
C HIS A 98 -18.12 -29.72 9.86
N ALA A 99 -17.51 -28.83 9.07
CA ALA A 99 -16.86 -29.28 7.86
C ALA A 99 -15.62 -30.15 8.20
N ILE A 100 -14.87 -29.75 9.22
CA ILE A 100 -13.70 -30.51 9.65
C ILE A 100 -14.12 -31.86 10.24
N MET A 101 -15.15 -31.86 11.07
CA MET A 101 -15.62 -33.11 11.67
C MET A 101 -16.10 -34.07 10.62
N ASN A 102 -16.73 -33.57 9.57
CA ASN A 102 -17.26 -34.45 8.51
C ASN A 102 -16.24 -34.80 7.46
N GLY A 103 -15.04 -34.23 7.52
CA GLY A 103 -13.97 -34.60 6.60
C GLY A 103 -13.96 -33.87 5.28
N GLU A 104 -14.83 -32.87 5.14
CA GLU A 104 -14.96 -32.00 3.98
C GLU A 104 -13.77 -31.02 3.84
N LEU A 105 -13.23 -30.65 4.99
CA LEU A 105 -12.20 -29.63 5.14
C LEU A 105 -11.14 -30.27 6.04
N GLU A 106 -9.90 -30.27 5.59
CA GLU A 106 -8.79 -30.73 6.44
C GLU A 106 -8.61 -29.72 7.57
N PRO A 107 -8.25 -30.16 8.77
CA PRO A 107 -8.07 -29.24 9.89
C PRO A 107 -7.04 -28.18 9.56
N LEU A 108 -7.37 -26.97 9.96
CA LEU A 108 -6.48 -25.82 9.78
C LEU A 108 -6.73 -24.79 10.85
N ILE A 109 -5.78 -23.87 10.96
CA ILE A 109 -5.89 -22.72 11.82
C ILE A 109 -6.49 -21.58 11.00
N VAL A 110 -7.48 -20.91 11.56
CA VAL A 110 -8.10 -19.75 10.92
C VAL A 110 -7.93 -18.55 11.83
N VAL A 111 -7.38 -17.48 11.30
CA VAL A 111 -7.09 -16.28 12.08
C VAL A 111 -7.93 -15.13 11.60
N THR A 112 -8.60 -14.41 12.49
CA THR A 112 -9.38 -13.24 12.12
C THR A 112 -8.76 -12.00 12.77
N PRO A 113 -7.92 -11.27 12.03
CA PRO A 113 -7.30 -10.04 12.53
C PRO A 113 -8.16 -8.85 12.21
N THR A 114 -7.63 -7.63 12.35
CA THR A 114 -8.35 -6.44 12.01
C THR A 114 -7.45 -5.44 11.31
N PHE A 115 -8.06 -4.69 10.39
CA PHE A 115 -7.42 -3.52 9.81
C PHE A 115 -7.72 -2.23 10.55
N ASN A 116 -8.40 -2.30 11.69
CA ASN A 116 -8.58 -1.15 12.57
C ASN A 116 -7.35 -0.91 13.42
N GLY A 117 -7.24 0.29 13.97
CA GLY A 117 -6.25 0.58 14.99
C GLY A 117 -5.03 1.33 14.49
N GLY A 118 -4.57 2.31 15.26
CA GLY A 118 -3.36 3.03 14.90
C GLY A 118 -3.43 3.63 13.51
N ASN A 119 -2.39 3.43 12.71
CA ASN A 119 -2.31 3.91 11.34
C ASN A 119 -2.90 2.91 10.37
N CYS A 120 -3.46 1.80 10.86
CA CYS A 120 -3.84 0.71 9.96
C CYS A 120 -5.07 1.05 9.15
N THR A 121 -5.05 0.56 7.90
CA THR A 121 -6.18 0.66 7.00
C THR A 121 -6.33 -0.66 6.25
N ALA A 122 -7.46 -0.81 5.58
CA ALA A 122 -7.67 -1.98 4.74
C ALA A 122 -6.61 -2.10 3.67
N GLN A 123 -6.15 -0.96 3.15
CA GLN A 123 -5.13 -0.90 2.14
C GLN A 123 -3.76 -1.29 2.65
N ASN A 124 -3.34 -0.78 3.80
CA ASN A 124 -1.97 -0.93 4.28
C ASN A 124 -1.76 -2.07 5.28
N PHE A 125 -2.82 -2.82 5.60
CA PHE A 125 -2.70 -3.86 6.62
C PHE A 125 -1.61 -4.87 6.30
N TYR A 126 -1.35 -5.15 5.01
CA TYR A 126 -0.35 -6.13 4.67
C TYR A 126 1.00 -5.90 5.35
N GLN A 127 1.35 -4.64 5.61
CA GLN A 127 2.65 -4.38 6.22
C GLN A 127 2.72 -4.95 7.66
N GLU A 128 1.67 -4.68 8.43
CA GLU A 128 1.54 -5.24 9.77
C GLU A 128 1.40 -6.77 9.74
N PHE A 129 0.69 -7.26 8.74
CA PHE A 129 0.56 -8.70 8.53
C PHE A 129 1.91 -9.37 8.42
N ARG A 130 2.78 -8.83 7.57
CA ARG A 130 4.11 -9.39 7.35
C ARG A 130 4.99 -9.31 8.59
N GLN A 131 5.02 -8.16 9.22
CA GLN A 131 6.02 -7.90 10.25
C GLN A 131 5.60 -8.34 11.64
N ASN A 132 4.31 -8.27 11.91
CA ASN A 132 3.80 -8.49 13.27
C ASN A 132 2.84 -9.67 13.42
N VAL A 133 1.85 -9.78 12.54
CA VAL A 133 0.81 -10.79 12.70
C VAL A 133 1.35 -12.20 12.46
N ILE A 134 2.03 -12.44 11.34
CA ILE A 134 2.53 -13.77 11.05
C ILE A 134 3.52 -14.19 12.15
N PRO A 135 4.54 -13.39 12.49
CA PRO A 135 5.44 -13.83 13.55
C PRO A 135 4.74 -14.07 14.87
N PHE A 136 3.77 -13.24 15.26
CA PHE A 136 3.10 -13.45 16.55
C PHE A 136 2.32 -14.79 16.54
N VAL A 137 1.48 -14.99 15.53
CA VAL A 137 0.63 -16.17 15.50
C VAL A 137 1.43 -17.43 15.27
N GLU A 138 2.35 -17.41 14.33
CA GLU A 138 3.02 -18.62 13.89
C GLU A 138 4.22 -18.99 14.74
N SER A 139 4.61 -18.11 15.65
CA SER A 139 5.57 -18.52 16.70
C SER A 139 4.84 -19.25 17.82
N LYS A 140 3.56 -18.95 18.02
CA LYS A 140 2.76 -19.52 19.10
C LYS A 140 2.13 -20.86 18.73
N TYR A 141 1.66 -20.97 17.48
CA TYR A 141 0.90 -22.08 17.01
C TYR A 141 1.65 -22.81 15.89
N SER A 142 1.27 -24.06 15.66
CA SER A 142 2.02 -24.94 14.79
C SER A 142 1.51 -24.94 13.36
N THR A 143 2.20 -24.19 12.53
CA THR A 143 1.97 -24.14 11.11
C THR A 143 3.11 -24.86 10.42
N TYR A 144 3.23 -24.69 9.11
CA TYR A 144 4.37 -25.25 8.40
C TYR A 144 5.63 -24.39 8.56
N ALA A 145 5.53 -23.21 9.15
CA ALA A 145 6.70 -22.34 9.40
C ALA A 145 7.55 -22.99 10.49
N GLU A 146 8.73 -23.43 10.13
CA GLU A 146 9.65 -23.97 11.14
C GLU A 146 10.20 -22.87 12.03
N SER A 147 10.36 -21.69 11.48
CA SER A 147 10.66 -20.48 12.24
C SER A 147 9.89 -19.34 11.62
N THR A 148 9.86 -18.20 12.28
CA THR A 148 9.15 -17.03 11.78
C THR A 148 10.06 -15.89 11.36
N THR A 149 11.28 -16.24 10.98
CA THR A 149 12.11 -15.31 10.22
C THR A 149 11.48 -15.16 8.83
N PRO A 150 11.85 -14.13 8.07
CA PRO A 150 11.36 -14.03 6.70
C PRO A 150 11.60 -15.30 5.89
N GLN A 151 12.76 -15.91 6.07
CA GLN A 151 13.08 -17.14 5.36
C GLN A 151 12.15 -18.29 5.76
N GLY A 152 11.86 -18.42 7.05
CA GLY A 152 10.96 -19.45 7.51
C GLY A 152 9.51 -19.28 7.05
N ILE A 153 9.08 -18.04 6.99
CA ILE A 153 7.76 -17.70 6.50
C ILE A 153 7.68 -17.99 5.01
N ALA A 154 8.66 -17.53 4.24
CA ALA A 154 8.64 -17.77 2.81
C ALA A 154 8.70 -19.24 2.47
N ALA A 155 9.46 -20.01 3.25
CA ALA A 155 9.61 -21.42 2.98
C ALA A 155 8.34 -22.21 3.20
N SER A 156 7.37 -21.62 3.88
CA SER A 156 6.13 -22.31 4.21
C SER A 156 4.91 -21.67 3.51
N ARG A 157 5.16 -20.84 2.50
CA ARG A 157 4.11 -20.07 1.81
C ARG A 157 3.04 -20.92 1.16
N MET A 158 3.36 -22.14 0.75
CA MET A 158 2.36 -22.99 0.11
C MET A 158 1.25 -23.43 1.07
N HIS A 159 1.45 -23.20 2.35
CA HIS A 159 0.48 -23.66 3.38
C HIS A 159 -0.11 -22.48 4.13
N ARG A 160 -0.14 -21.34 3.46
CA ARG A 160 -0.61 -20.09 4.05
C ARG A 160 -1.53 -19.41 3.04
N GLY A 161 -2.69 -18.96 3.54
CA GLY A 161 -3.68 -18.29 2.71
C GLY A 161 -4.23 -17.05 3.36
N PHE A 162 -4.79 -16.19 2.52
CA PHE A 162 -5.40 -14.93 2.97
C PHE A 162 -6.66 -14.71 2.20
N GLY A 163 -7.71 -14.31 2.92
CA GLY A 163 -8.95 -13.91 2.30
C GLY A 163 -9.66 -12.87 3.09
N GLY A 164 -10.80 -12.40 2.59
CA GLY A 164 -11.51 -11.36 3.28
C GLY A 164 -12.69 -10.85 2.50
N PHE A 165 -13.60 -10.16 3.20
CA PHE A 165 -14.87 -9.69 2.65
C PHE A 165 -14.92 -8.16 2.52
N ALA A 166 -15.33 -7.71 1.33
CA ALA A 166 -15.67 -6.31 1.07
C ALA A 166 -14.40 -5.48 1.19
N MET A 167 -14.30 -4.53 2.12
CA MET A 167 -13.02 -3.87 2.32
C MET A 167 -11.90 -4.90 2.70
N GLY A 168 -12.28 -6.02 3.31
CA GLY A 168 -11.33 -7.10 3.54
C GLY A 168 -10.93 -7.88 2.32
N GLY A 169 -11.78 -7.84 1.29
CA GLY A 169 -11.43 -8.30 -0.03
C GLY A 169 -10.39 -7.41 -0.68
N LEU A 170 -10.59 -6.09 -0.56
CA LEU A 170 -9.53 -5.16 -0.93
C LEU A 170 -8.22 -5.48 -0.18
N THR A 171 -8.31 -5.70 1.14
CA THR A 171 -7.11 -6.08 1.89
C THR A 171 -6.41 -7.25 1.26
N THR A 172 -7.19 -8.26 0.87
CA THR A 172 -6.67 -9.48 0.28
C THR A 172 -5.88 -9.19 -1.00
N TRP A 173 -6.44 -8.35 -1.86
CA TRP A 173 -5.72 -8.02 -3.10
C TRP A 173 -4.39 -7.29 -2.82
N TYR A 174 -4.38 -6.39 -1.84
CA TYR A 174 -3.14 -5.72 -1.46
C TYR A 174 -2.16 -6.69 -0.79
N VAL A 175 -2.66 -7.66 -0.03
CA VAL A 175 -1.82 -8.74 0.48
C VAL A 175 -1.22 -9.55 -0.67
N MET A 176 -2.03 -9.89 -1.66
CA MET A 176 -1.51 -10.65 -2.80
C MET A 176 -0.35 -9.93 -3.48
N VAL A 177 -0.57 -8.68 -3.82
CA VAL A 177 0.40 -7.94 -4.61
CA VAL A 177 0.43 -8.01 -4.63
C VAL A 177 1.70 -7.72 -3.84
N ASN A 178 1.59 -7.59 -2.54
CA ASN A 178 2.74 -7.27 -1.70
C ASN A 178 3.34 -8.44 -0.91
N CYS A 179 2.70 -9.60 -0.97
CA CYS A 179 3.07 -10.74 -0.11
C CYS A 179 3.04 -12.08 -0.80
N LEU A 180 3.26 -12.12 -2.11
CA LEU A 180 3.36 -13.40 -2.79
C LEU A 180 4.48 -14.28 -2.24
N ASP A 181 5.54 -13.65 -1.72
CA ASP A 181 6.61 -14.39 -1.10
C ASP A 181 6.18 -15.19 0.12
N TYR A 182 5.14 -14.73 0.81
CA TYR A 182 4.67 -15.33 2.05
C TYR A 182 3.37 -16.15 1.92
N VAL A 183 2.59 -15.92 0.87
CA VAL A 183 1.22 -16.46 0.82
C VAL A 183 0.98 -17.00 -0.58
N ALA A 184 0.44 -18.21 -0.68
CA ALA A 184 0.15 -18.84 -1.96
C ALA A 184 -1.33 -18.84 -2.33
N TYR A 185 -2.26 -18.79 -1.38
CA TYR A 185 -3.68 -18.96 -1.66
C TYR A 185 -4.44 -17.73 -1.24
N PHE A 186 -5.29 -17.25 -2.14
CA PHE A 186 -6.00 -15.98 -1.95
C PHE A 186 -7.49 -16.16 -2.17
N MET A 187 -8.30 -15.62 -1.25
CA MET A 187 -9.74 -15.73 -1.31
C MET A 187 -10.40 -14.35 -1.15
N PRO A 188 -10.34 -13.51 -2.20
CA PRO A 188 -11.03 -12.21 -2.15
C PRO A 188 -12.53 -12.40 -2.34
N LEU A 189 -13.31 -11.86 -1.41
CA LEU A 189 -14.75 -12.04 -1.38
C LEU A 189 -15.44 -10.69 -1.50
N SER A 190 -16.20 -10.48 -2.57
CA SER A 190 -16.99 -9.25 -2.70
C SER A 190 -16.17 -7.98 -2.52
N GLY A 191 -15.03 -7.91 -3.17
CA GLY A 191 -14.20 -6.73 -3.19
C GLY A 191 -13.23 -6.84 -4.34
N ASP A 192 -12.98 -5.71 -5.00
CA ASP A 192 -11.97 -5.62 -6.05
C ASP A 192 -10.69 -4.96 -5.55
N TYR A 193 -9.69 -4.94 -6.42
CA TYR A 193 -8.36 -4.36 -6.16
C TYR A 193 -8.37 -2.91 -6.64
N TRP A 194 -8.21 -1.93 -5.75
N TRP A 194 -8.35 -1.97 -5.71
CA TRP A 194 -8.38 -0.51 -6.14
CA TRP A 194 -8.32 -0.54 -6.04
C TRP A 194 -7.17 0.16 -6.88
C TRP A 194 -6.89 -0.09 -6.24
N TYR A 195 -6.14 -0.60 -7.16
N TYR A 195 -6.39 -0.39 -7.41
CA TYR A 195 -4.98 0.00 -7.81
CA TYR A 195 -5.07 0.08 -7.84
C TYR A 195 -5.11 0.09 -9.34
N GLY A 196 -5.57 1.21 -9.86
CA GLY A 196 -5.62 1.37 -11.30
C GLY A 196 -6.84 2.10 -11.75
N ASN A 197 -6.73 2.65 -12.95
CA ASN A 197 -7.82 3.40 -13.53
C ASN A 197 -8.62 2.60 -14.53
N SER A 198 -8.24 1.35 -14.73
CA SER A 198 -8.96 0.44 -15.63
C SER A 198 -8.75 -0.97 -15.10
N PRO A 199 -9.57 -1.91 -15.54
CA PRO A 199 -9.32 -3.32 -15.17
C PRO A 199 -7.97 -3.84 -15.63
N GLN A 200 -7.46 -3.35 -16.75
CA GLN A 200 -6.16 -3.74 -17.23
C GLN A 200 -5.05 -3.24 -16.29
N ASP A 201 -5.19 -2.04 -15.74
CA ASP A 201 -4.17 -1.54 -14.81
C ASP A 201 -4.13 -2.51 -13.62
N LYS A 202 -5.32 -2.91 -13.14
CA LYS A 202 -5.38 -3.80 -11.98
C LYS A 202 -4.73 -5.16 -12.29
N ALA A 203 -5.11 -5.75 -13.41
CA ALA A 203 -4.54 -7.02 -13.84
C ALA A 203 -3.04 -6.93 -14.08
N ASN A 204 -2.60 -5.81 -14.64
CA ASN A 204 -1.18 -5.66 -14.94
C ASN A 204 -0.35 -5.51 -13.68
N SER A 205 -0.91 -4.88 -12.65
CA SER A 205 -0.22 -4.76 -11.38
C SER A 205 -0.01 -6.14 -10.76
N ILE A 206 -1.06 -6.95 -10.80
CA ILE A 206 -0.98 -8.31 -10.26
C ILE A 206 0.05 -9.13 -11.06
N ALA A 207 0.01 -8.99 -12.38
CA ALA A 207 0.98 -9.70 -13.23
C ALA A 207 2.39 -9.29 -12.94
N GLU A 208 2.60 -7.99 -12.74
CA GLU A 208 3.94 -7.50 -12.42
C GLU A 208 4.43 -8.02 -11.07
N ALA A 209 3.53 -8.11 -10.08
CA ALA A 209 3.90 -8.68 -8.80
C ALA A 209 4.31 -10.14 -8.96
N ILE A 210 3.55 -10.87 -9.77
CA ILE A 210 3.89 -12.26 -10.06
C ILE A 210 5.26 -12.36 -10.74
N ASN A 211 5.47 -11.52 -11.77
CA ASN A 211 6.79 -11.48 -12.45
C ASN A 211 7.92 -11.26 -11.46
N ARG A 212 7.76 -10.25 -10.62
CA ARG A 212 8.80 -9.93 -9.62
C ARG A 212 9.05 -11.07 -8.65
N SER A 213 8.00 -11.80 -8.28
CA SER A 213 8.14 -12.89 -7.33
C SER A 213 8.95 -14.07 -7.87
N GLY A 214 8.97 -14.23 -9.18
CA GLY A 214 9.63 -15.35 -9.83
C GLY A 214 8.86 -16.64 -9.80
N LEU A 215 7.68 -16.62 -9.17
CA LEU A 215 6.90 -17.83 -8.98
C LEU A 215 6.31 -18.35 -10.27
N SER A 216 6.13 -19.66 -10.33
CA SER A 216 5.42 -20.32 -11.41
C SER A 216 3.93 -20.24 -11.17
N LYS A 217 3.17 -20.54 -12.22
CA LYS A 217 1.72 -20.52 -12.14
C LYS A 217 1.16 -21.62 -11.27
N ARG A 218 2.00 -22.58 -10.84
CA ARG A 218 1.61 -23.64 -9.94
C ARG A 218 1.87 -23.29 -8.49
N GLU A 219 2.20 -22.03 -8.22
CA GLU A 219 2.67 -21.62 -6.88
C GLU A 219 1.83 -20.48 -6.30
N TYR A 220 0.76 -20.08 -6.98
CA TYR A 220 -0.17 -19.09 -6.41
C TYR A 220 -1.54 -19.42 -7.01
N PHE A 221 -2.57 -19.13 -6.22
CA PHE A 221 -3.94 -19.58 -6.48
C PHE A 221 -4.91 -18.52 -6.00
N VAL A 222 -5.85 -18.18 -6.84
CA VAL A 222 -6.86 -17.18 -6.51
C VAL A 222 -8.24 -17.77 -6.70
N PHE A 223 -9.01 -17.85 -5.61
CA PHE A 223 -10.41 -18.30 -5.65
C PHE A 223 -11.22 -17.12 -5.15
N ALA A 224 -11.70 -16.33 -6.09
CA ALA A 224 -12.52 -15.16 -5.80
C ALA A 224 -13.98 -15.56 -5.77
N ALA A 225 -14.80 -14.82 -5.05
CA ALA A 225 -16.21 -15.13 -5.00
C ALA A 225 -17.03 -13.89 -4.67
N THR A 226 -18.28 -13.90 -5.16
CA THR A 226 -19.23 -12.89 -4.77
C THR A 226 -20.61 -13.41 -5.09
N GLY A 227 -21.62 -12.58 -4.82
CA GLY A 227 -23.00 -12.92 -5.15
C GLY A 227 -23.46 -12.24 -6.42
N SER A 228 -24.39 -12.86 -7.16
CA SER A 228 -24.86 -12.22 -8.38
C SER A 228 -25.67 -10.95 -8.10
N GLU A 229 -26.13 -10.79 -6.87
CA GLU A 229 -26.86 -9.60 -6.46
C GLU A 229 -26.06 -8.78 -5.47
N ASP A 230 -24.75 -9.01 -5.41
CA ASP A 230 -23.85 -8.31 -4.51
C ASP A 230 -23.26 -7.11 -5.26
N ILE A 231 -23.44 -5.93 -4.68
CA ILE A 231 -22.93 -4.70 -5.29
C ILE A 231 -21.50 -4.79 -5.79
N ALA A 232 -20.64 -5.52 -5.08
CA ALA A 232 -19.24 -5.60 -5.46
C ALA A 232 -18.97 -6.31 -6.77
N TYR A 233 -19.94 -7.08 -7.25
CA TYR A 233 -19.82 -7.74 -8.54
C TYR A 233 -19.48 -6.75 -9.65
N ALA A 234 -20.06 -5.55 -9.55
CA ALA A 234 -19.87 -4.55 -10.60
C ALA A 234 -18.41 -4.22 -10.85
N ASN A 235 -17.60 -4.19 -9.77
CA ASN A 235 -16.20 -3.88 -9.90
C ASN A 235 -15.32 -5.13 -9.97
N MET A 236 -15.74 -6.24 -9.34
CA MET A 236 -14.98 -7.48 -9.45
C MET A 236 -15.00 -8.05 -10.85
N ASN A 237 -16.18 -8.11 -11.48
CA ASN A 237 -16.27 -8.84 -12.71
C ASN A 237 -15.34 -8.32 -13.81
N PRO A 238 -15.26 -7.00 -14.04
CA PRO A 238 -14.29 -6.54 -15.03
C PRO A 238 -12.86 -6.87 -14.69
N GLN A 239 -12.49 -6.81 -13.41
CA GLN A 239 -11.14 -7.18 -13.03
C GLN A 239 -10.86 -8.64 -13.30
N ILE A 240 -11.81 -9.49 -12.96
CA ILE A 240 -11.63 -10.93 -13.17
C ILE A 240 -11.45 -11.22 -14.66
N GLU A 241 -12.26 -10.56 -15.48
CA GLU A 241 -12.12 -10.78 -16.93
C GLU A 241 -10.75 -10.34 -17.46
N ALA A 242 -10.25 -9.21 -16.97
CA ALA A 242 -8.92 -8.78 -17.38
C ALA A 242 -7.85 -9.74 -16.89
N MET A 243 -8.01 -10.30 -15.69
CA MET A 243 -7.04 -11.28 -15.19
C MET A 243 -7.06 -12.58 -15.98
N LYS A 244 -8.26 -12.97 -16.45
CA LYS A 244 -8.38 -14.23 -17.23
C LYS A 244 -7.52 -14.17 -18.51
N ALA A 245 -7.40 -12.96 -19.05
CA ALA A 245 -6.64 -12.74 -20.29
C ALA A 245 -5.15 -12.78 -20.09
N LEU A 246 -4.66 -12.73 -18.84
CA LEU A 246 -3.22 -12.82 -18.57
C LEU A 246 -2.72 -14.26 -18.72
N PRO A 247 -1.49 -14.45 -19.20
CA PRO A 247 -0.92 -15.79 -19.21
C PRO A 247 -0.65 -16.32 -17.79
N HIS A 248 -0.66 -15.41 -16.81
CA HIS A 248 -0.31 -15.76 -15.44
C HIS A 248 -1.40 -16.61 -14.75
N PHE A 249 -2.61 -16.63 -15.30
CA PHE A 249 -3.72 -17.36 -14.74
C PHE A 249 -4.33 -18.34 -15.70
N ASP A 250 -4.56 -19.53 -15.20
CA ASP A 250 -5.27 -20.60 -15.90
C ASP A 250 -6.60 -20.80 -15.19
N TYR A 251 -7.70 -20.42 -15.85
CA TYR A 251 -9.00 -20.37 -15.23
C TYR A 251 -9.65 -21.75 -15.13
N THR A 252 -9.87 -22.17 -13.89
CA THR A 252 -10.56 -23.40 -13.51
C THR A 252 -10.50 -23.50 -11.97
N SER A 253 -11.51 -24.09 -11.35
CA SER A 253 -11.44 -24.41 -9.93
C SER A 253 -10.65 -25.67 -9.63
N ASP A 254 -10.26 -26.44 -10.65
CA ASP A 254 -9.41 -27.60 -10.40
C ASP A 254 -7.98 -27.14 -10.28
N PHE A 255 -7.53 -26.92 -9.03
CA PHE A 255 -6.22 -26.35 -8.77
C PHE A 255 -5.08 -27.35 -8.97
N SER A 256 -5.42 -28.59 -9.32
CA SER A 256 -4.41 -29.52 -9.83
C SER A 256 -4.06 -29.24 -11.28
N LYS A 257 -4.86 -28.40 -11.94
CA LYS A 257 -4.72 -28.08 -13.38
CA LYS A 257 -4.63 -28.06 -13.33
C LYS A 257 -4.56 -26.57 -13.71
C LYS A 257 -4.27 -26.59 -13.50
N GLY A 258 -5.04 -25.71 -12.83
CA GLY A 258 -4.95 -24.28 -13.02
C GLY A 258 -4.98 -23.60 -11.67
N ASN A 259 -5.31 -22.33 -11.64
CA ASN A 259 -5.00 -21.52 -10.43
C ASN A 259 -5.92 -20.34 -10.21
N PHE A 260 -7.06 -20.30 -10.88
CA PHE A 260 -7.90 -19.08 -10.83
C PHE A 260 -9.35 -19.41 -11.05
N TYR A 261 -10.21 -18.93 -10.16
CA TYR A 261 -11.63 -19.17 -10.30
C TYR A 261 -12.41 -18.04 -9.69
N PHE A 262 -13.62 -17.81 -10.21
CA PHE A 262 -14.53 -16.77 -9.73
C PHE A 262 -15.92 -17.37 -9.55
N LEU A 263 -16.30 -17.63 -8.31
CA LEU A 263 -17.59 -18.21 -7.97
C LEU A 263 -18.59 -17.09 -7.76
N VAL A 264 -19.70 -17.16 -8.51
CA VAL A 264 -20.75 -16.17 -8.40
C VAL A 264 -22.05 -16.85 -7.95
N ALA A 265 -22.49 -16.54 -6.76
CA ALA A 265 -23.64 -17.23 -6.13
C ALA A 265 -24.94 -16.62 -6.59
N PRO A 266 -25.78 -17.39 -7.28
CA PRO A 266 -27.03 -16.79 -7.77
C PRO A 266 -27.96 -16.26 -6.67
N GLY A 267 -28.33 -14.99 -6.81
CA GLY A 267 -29.26 -14.35 -5.92
C GLY A 267 -28.71 -13.73 -4.67
N ALA A 268 -27.46 -14.04 -4.35
CA ALA A 268 -26.88 -13.61 -3.08
C ALA A 268 -26.51 -12.13 -3.10
N THR A 269 -26.78 -11.49 -1.98
CA THR A 269 -26.49 -10.08 -1.76
C THR A 269 -25.29 -9.86 -0.83
N HIS A 270 -24.91 -8.60 -0.65
CA HIS A 270 -23.71 -8.20 0.11
C HIS A 270 -23.96 -8.33 1.60
N TRP A 271 -23.80 -9.56 2.11
CA TRP A 271 -24.18 -9.89 3.47
C TRP A 271 -23.41 -11.14 3.92
N TRP A 272 -22.85 -11.09 5.13
CA TRP A 272 -22.15 -12.25 5.69
C TRP A 272 -22.98 -13.53 5.68
N GLY A 273 -24.29 -13.38 5.74
CA GLY A 273 -25.17 -14.54 5.76
C GLY A 273 -24.95 -15.43 4.54
N TYR A 274 -24.66 -14.82 3.39
CA TYR A 274 -24.24 -15.53 2.19
C TYR A 274 -22.73 -15.76 2.12
N VAL A 275 -21.94 -14.75 2.45
CA VAL A 275 -20.51 -14.82 2.21
C VAL A 275 -19.85 -15.96 3.00
N ARG A 276 -20.37 -16.27 4.18
CA ARG A 276 -19.84 -17.42 4.95
C ARG A 276 -19.89 -18.72 4.15
N HIS A 277 -20.90 -18.87 3.30
CA HIS A 277 -21.03 -20.05 2.45
C HIS A 277 -20.00 -20.07 1.34
N TYR A 278 -19.53 -18.90 0.90
CA TYR A 278 -18.46 -18.89 -0.07
C TYR A 278 -17.19 -19.50 0.52
N ILE A 279 -16.92 -19.22 1.80
CA ILE A 279 -15.78 -19.80 2.50
C ILE A 279 -15.96 -21.30 2.63
N TYR A 280 -17.18 -21.72 2.97
CA TYR A 280 -17.49 -23.16 2.99
C TYR A 280 -17.20 -23.83 1.65
N ASP A 281 -17.53 -23.16 0.54
CA ASP A 281 -17.34 -23.73 -0.77
C ASP A 281 -15.87 -23.71 -1.23
N ALA A 282 -15.17 -22.63 -0.89
CA ALA A 282 -13.84 -22.39 -1.42
C ALA A 282 -12.72 -22.92 -0.55
N LEU A 283 -12.85 -22.81 0.78
CA LEU A 283 -11.74 -23.21 1.64
C LEU A 283 -11.31 -24.66 1.44
N PRO A 284 -12.25 -25.59 1.22
CA PRO A 284 -11.83 -26.96 0.92
C PRO A 284 -10.93 -27.13 -0.28
N TYR A 285 -10.88 -26.15 -1.16
CA TYR A 285 -10.04 -26.18 -2.36
C TYR A 285 -8.58 -25.79 -2.09
N PHE A 286 -8.32 -25.25 -0.91
CA PHE A 286 -7.02 -24.69 -0.60
C PHE A 286 -6.06 -25.71 0.00
N PHE A 287 -4.77 -25.50 -0.29
CA PHE A 287 -3.66 -26.12 0.43
C PHE A 287 -3.37 -27.58 0.07
N HIS A 288 -3.77 -28.02 -1.13
CA HIS A 288 -3.44 -29.38 -1.55
C HIS A 288 -2.31 -29.43 -2.54
N GLU A 289 -1.95 -28.30 -3.14
CA GLU A 289 -0.86 -28.31 -4.12
C GLU A 289 0.48 -28.21 -3.41
N LEU A 290 1.36 -29.15 -3.72
CA LEU A 290 2.63 -29.30 -2.99
C LEU A 290 2.38 -29.53 -1.50
N GLU A 291 1.29 -30.20 -1.15
CA GLU A 291 1.02 -30.53 0.25
C GLU A 291 1.87 -31.70 0.68
N HIS A 292 2.00 -31.82 1.99
CA HIS A 292 2.94 -32.75 2.55
C HIS A 292 2.32 -34.11 2.88
N HIS A 293 0.99 -34.23 2.97
CA HIS A 293 0.30 -35.52 3.09
C HIS A 293 0.14 -36.15 1.70
N HIS A 294 -0.04 -37.46 1.67
CA HIS A 294 -0.27 -38.20 0.44
C HIS A 294 -1.78 -38.34 0.27
N HIS A 295 -2.35 -37.41 -0.50
CA HIS A 295 -3.78 -37.33 -0.79
C HIS A 295 -4.07 -37.38 -2.25
N HIS A 296 -5.24 -37.91 -2.60
CA HIS A 296 -5.74 -37.96 -3.97
C HIS A 296 -7.00 -37.12 -4.10
N HIS A 297 -6.88 -35.96 -4.74
CA HIS A 297 -8.00 -35.03 -4.91
C HIS A 297 -8.36 -34.94 -6.38
N SER B 15 14.07 37.79 -2.21
CA SER B 15 13.38 37.19 -1.04
C SER B 15 11.98 36.69 -1.43
N PHE B 16 11.61 35.55 -0.90
CA PHE B 16 10.38 34.89 -1.34
C PHE B 16 9.09 35.49 -0.78
N LYS B 17 8.10 35.73 -1.66
CA LYS B 17 6.75 36.12 -1.27
C LYS B 17 5.77 35.16 -1.94
N TYR B 18 4.80 34.64 -1.19
CA TYR B 18 3.76 33.82 -1.81
C TYR B 18 2.91 34.62 -2.80
N GLU B 19 2.64 34.01 -3.94
CA GLU B 19 1.56 34.44 -4.85
C GLU B 19 0.39 33.48 -4.68
N SER B 20 -0.82 33.91 -5.01
CA SER B 20 -2.01 33.08 -4.86
C SER B 20 -2.27 32.15 -6.05
N ALA B 21 -1.72 32.46 -7.22
CA ALA B 21 -1.86 31.60 -8.38
C ALA B 21 -0.55 31.61 -9.17
N VAL B 22 0.49 31.04 -8.57
CA VAL B 22 1.79 31.05 -9.21
C VAL B 22 1.74 30.38 -10.59
N GLN B 23 2.46 30.98 -11.54
CA GLN B 23 2.49 30.48 -12.91
C GLN B 23 3.80 29.76 -13.18
N TYR B 24 3.77 28.84 -14.15
CA TYR B 24 4.94 28.13 -14.59
C TYR B 24 5.98 29.11 -15.14
N ARG B 25 7.22 28.90 -14.72
CA ARG B 25 8.37 29.62 -15.23
C ARG B 25 9.59 28.72 -15.14
N PRO B 26 10.22 28.41 -16.25
CA PRO B 26 11.42 27.60 -16.18
C PRO B 26 12.54 28.37 -15.48
N ALA B 27 13.45 27.63 -14.86
CA ALA B 27 14.70 28.25 -14.43
C ALA B 27 15.43 28.79 -15.65
N PRO B 28 16.19 29.85 -15.48
CA PRO B 28 17.03 30.33 -16.56
C PRO B 28 17.92 29.24 -17.10
N ASP B 29 18.28 29.30 -18.37
CA ASP B 29 19.15 28.32 -18.97
C ASP B 29 20.47 28.16 -18.20
N SER B 30 20.97 29.26 -17.67
CA SER B 30 22.22 29.26 -16.92
C SER B 30 22.14 28.40 -15.67
N TYR B 31 20.92 28.15 -15.17
CA TYR B 31 20.76 27.32 -13.97
C TYR B 31 21.01 25.83 -14.23
N LEU B 32 21.06 25.41 -15.49
CA LEU B 32 21.34 24.03 -15.84
C LEU B 32 22.81 23.70 -15.88
N ASN B 33 23.65 24.74 -15.80
CA ASN B 33 25.09 24.52 -15.75
C ASN B 33 25.59 24.53 -14.32
N PRO B 34 26.73 23.90 -14.04
CA PRO B 34 27.24 23.87 -12.68
C PRO B 34 27.43 25.24 -12.05
N CYS B 35 27.06 25.34 -10.78
CA CYS B 35 27.27 26.51 -9.95
C CYS B 35 28.47 26.28 -9.05
N PRO B 36 29.34 27.26 -8.85
CA PRO B 36 30.45 27.06 -7.93
C PRO B 36 30.07 26.88 -6.49
N GLN B 37 28.91 27.38 -6.08
CA GLN B 37 28.44 27.18 -4.70
C GLN B 37 27.66 25.87 -4.68
N ALA B 38 28.39 24.78 -4.87
CA ALA B 38 27.76 23.49 -5.09
C ALA B 38 27.54 22.76 -3.80
N GLY B 39 26.31 22.32 -3.59
CA GLY B 39 25.99 21.41 -2.51
C GLY B 39 26.69 20.06 -2.69
N ARG B 40 27.09 19.48 -1.58
CA ARG B 40 27.71 18.17 -1.61
C ARG B 40 26.66 17.09 -1.82
N ILE B 41 26.90 16.11 -2.67
CA ILE B 41 25.99 14.99 -2.88
C ILE B 41 26.71 13.75 -2.37
N VAL B 42 26.08 13.06 -1.44
CA VAL B 42 26.66 11.91 -0.78
C VAL B 42 25.85 10.67 -1.12
N LYS B 43 26.51 9.67 -1.68
CA LYS B 43 25.94 8.35 -1.89
C LYS B 43 25.98 7.57 -0.59
N GLU B 44 24.82 7.08 -0.16
CA GLU B 44 24.69 6.28 1.03
C GLU B 44 24.06 4.93 0.71
N THR B 45 24.44 3.94 1.48
CA THR B 45 23.90 2.59 1.36
C THR B 45 23.45 2.14 2.73
N TYR B 46 22.26 1.55 2.80
CA TYR B 46 21.62 1.13 4.04
C TYR B 46 20.91 -0.19 3.80
N THR B 47 20.56 -0.87 4.88
CA THR B 47 19.80 -2.11 4.77
C THR B 47 18.52 -1.94 5.53
N GLY B 48 17.40 -2.20 4.86
CA GLY B 48 16.08 -2.07 5.45
C GLY B 48 15.19 -3.22 5.05
N ILE B 49 13.89 -3.00 5.09
CA ILE B 49 12.93 -4.07 4.87
C ILE B 49 12.91 -4.60 3.45
N ASN B 50 13.48 -3.86 2.51
CA ASN B 50 13.65 -4.28 1.13
C ASN B 50 15.08 -4.58 0.76
N GLY B 51 15.87 -4.93 1.78
CA GLY B 51 17.27 -5.30 1.59
C GLY B 51 18.20 -4.12 1.52
N THR B 52 19.38 -4.37 0.98
CA THR B 52 20.42 -3.35 0.90
C THR B 52 20.14 -2.52 -0.32
N LYS B 53 20.06 -1.20 -0.11
CA LYS B 53 19.71 -0.26 -1.15
C LYS B 53 20.53 1.04 -0.94
N SER B 54 20.49 1.92 -1.94
CA SER B 54 21.25 3.17 -1.87
C SER B 54 20.33 4.35 -2.14
N LEU B 55 20.84 5.52 -1.79
CA LEU B 55 20.20 6.79 -2.03
C LEU B 55 21.27 7.86 -2.14
N ASN B 56 20.91 9.03 -2.64
CA ASN B 56 21.77 10.20 -2.58
C ASN B 56 21.21 11.26 -1.69
N VAL B 57 22.09 11.94 -0.97
CA VAL B 57 21.75 13.07 -0.12
C VAL B 57 22.46 14.31 -0.64
N TYR B 58 21.68 15.29 -1.06
CA TYR B 58 22.15 16.63 -1.39
C TYR B 58 22.13 17.50 -0.16
N LEU B 59 23.29 18.01 0.21
CA LEU B 59 23.44 18.95 1.29
C LEU B 59 23.67 20.33 0.68
N PRO B 60 23.06 21.38 1.24
CA PRO B 60 23.23 22.71 0.65
C PRO B 60 24.66 23.19 0.83
N TYR B 61 25.08 24.09 -0.05
CA TYR B 61 26.35 24.77 0.10
C TYR B 61 26.33 25.50 1.43
N GLY B 62 27.41 25.38 2.18
CA GLY B 62 27.46 25.98 3.51
C GLY B 62 26.79 25.17 4.61
N TYR B 63 26.39 23.94 4.29
CA TYR B 63 25.77 23.03 5.27
C TYR B 63 26.58 23.07 6.57
N ASP B 64 25.86 23.33 7.62
CA ASP B 64 26.42 23.43 8.98
C ASP B 64 25.67 22.42 9.85
N PRO B 65 26.35 21.38 10.31
CA PRO B 65 25.71 20.38 11.17
C PRO B 65 25.08 20.88 12.44
N ASN B 66 25.39 22.09 12.83
CA ASN B 66 24.73 22.67 14.00
C ASN B 66 23.41 23.34 13.74
N LYS B 67 23.10 23.53 12.46
CA LYS B 67 21.84 24.13 12.05
C LYS B 67 20.88 22.99 11.68
N LYS B 68 19.60 23.31 11.69
CA LYS B 68 18.53 22.38 11.32
C LYS B 68 17.97 22.79 9.98
N TYR B 69 17.89 21.79 9.09
CA TYR B 69 17.44 22.01 7.71
C TYR B 69 16.15 21.29 7.43
N ASN B 70 15.31 21.96 6.64
CA ASN B 70 14.19 21.30 5.97
C ASN B 70 14.74 20.14 5.16
N ILE B 71 13.90 19.12 4.96
CA ILE B 71 14.30 17.99 4.16
C ILE B 71 13.18 17.58 3.20
N PHE B 72 13.58 17.34 1.95
CA PHE B 72 12.64 16.99 0.89
C PHE B 72 13.13 15.74 0.21
N TYR B 73 12.31 14.69 0.29
CA TYR B 73 12.58 13.40 -0.33
C TYR B 73 11.90 13.36 -1.69
N LEU B 74 12.63 12.97 -2.72
CA LEU B 74 12.18 13.12 -4.09
C LEU B 74 12.40 11.86 -4.89
N MET B 75 11.29 11.30 -5.41
CA MET B 75 11.30 9.99 -6.05
C MET B 75 11.28 10.05 -7.57
N HIS B 76 12.14 9.24 -8.15
CA HIS B 76 12.26 9.05 -9.58
C HIS B 76 11.04 8.34 -10.18
N GLY B 77 11.03 8.24 -11.50
CA GLY B 77 9.96 7.58 -12.23
C GLY B 77 10.30 6.14 -12.62
N GLY B 78 9.37 5.54 -13.36
CA GLY B 78 9.59 4.19 -13.86
C GLY B 78 10.82 4.07 -14.72
N GLY B 79 11.52 2.96 -14.51
CA GLY B 79 12.75 2.69 -15.22
C GLY B 79 13.98 3.46 -14.77
N GLU B 80 13.81 4.30 -13.76
CA GLU B 80 14.89 5.14 -13.24
C GLU B 80 15.43 4.59 -11.94
N ASN B 81 16.35 5.30 -11.30
CA ASN B 81 16.96 4.86 -10.05
C ASN B 81 17.37 6.05 -9.20
N GLU B 82 17.97 5.77 -8.04
CA GLU B 82 18.35 6.79 -7.08
C GLU B 82 19.38 7.79 -7.57
N ASN B 83 20.00 7.49 -8.70
CA ASN B 83 21.03 8.38 -9.31
C ASN B 83 20.49 9.26 -10.41
N THR B 84 19.26 8.99 -10.87
CA THR B 84 18.76 9.65 -12.07
C THR B 84 18.65 11.17 -11.92
N ILE B 85 18.07 11.63 -10.82
CA ILE B 85 17.73 13.04 -10.67
C ILE B 85 18.99 13.92 -10.62
N PHE B 86 20.10 13.38 -10.10
CA PHE B 86 21.36 14.13 -10.06
C PHE B 86 22.32 13.71 -11.19
N SER B 87 21.80 12.95 -12.13
CA SER B 87 22.59 12.56 -13.32
C SER B 87 22.56 13.66 -14.37
N ASN B 88 23.36 13.48 -15.41
CA ASN B 88 23.37 14.39 -16.55
C ASN B 88 22.04 14.46 -17.29
N ASP B 89 21.16 13.51 -17.10
CA ASP B 89 19.87 13.57 -17.78
C ASP B 89 18.86 14.51 -17.11
N VAL B 90 19.18 14.98 -15.90
CA VAL B 90 18.25 15.84 -15.17
C VAL B 90 18.97 17.07 -14.60
N LYS B 91 20.07 16.85 -13.87
CA LYS B 91 20.88 17.95 -13.33
C LYS B 91 20.16 18.81 -12.32
N LEU B 92 19.28 18.21 -11.51
CA LEU B 92 18.53 19.00 -10.57
C LEU B 92 19.42 19.75 -9.59
N GLN B 93 20.57 19.18 -9.24
CA GLN B 93 21.50 19.84 -8.32
C GLN B 93 21.98 21.18 -8.81
N ASN B 94 22.07 21.36 -10.12
CA ASN B 94 22.50 22.66 -10.63
C ASN B 94 21.44 23.70 -10.37
N ILE B 95 20.19 23.33 -10.57
CA ILE B 95 19.08 24.21 -10.28
C ILE B 95 19.02 24.55 -8.79
N LEU B 96 19.11 23.53 -7.96
CA LEU B 96 19.11 23.73 -6.52
C LEU B 96 20.24 24.67 -6.10
N ASP B 97 21.44 24.40 -6.62
CA ASP B 97 22.61 25.19 -6.22
C ASP B 97 22.43 26.65 -6.62
N HIS B 98 22.01 26.88 -7.85
CA HIS B 98 21.85 28.27 -8.28
C HIS B 98 20.70 28.98 -7.55
N ALA B 99 19.61 28.28 -7.27
CA ALA B 99 18.46 28.88 -6.61
C ALA B 99 18.79 29.24 -5.17
N ILE B 100 19.53 28.36 -4.48
CA ILE B 100 19.95 28.61 -3.11
C ILE B 100 20.97 29.78 -3.10
N MET B 101 21.92 29.78 -4.01
CA MET B 101 22.90 30.87 -4.03
C MET B 101 22.24 32.21 -4.27
N ASN B 102 21.21 32.23 -5.12
CA ASN B 102 20.55 33.48 -5.47
C ASN B 102 19.50 33.91 -4.45
N GLY B 103 19.21 33.09 -3.46
CA GLY B 103 18.28 33.42 -2.41
C GLY B 103 16.81 33.15 -2.74
N GLU B 104 16.58 32.42 -3.80
CA GLU B 104 15.24 32.05 -4.28
C GLU B 104 14.65 30.89 -3.47
N LEU B 105 15.53 30.10 -2.90
CA LEU B 105 15.21 28.87 -2.19
C LEU B 105 16.05 28.86 -0.92
N GLU B 106 15.40 28.69 0.22
CA GLU B 106 16.15 28.54 1.47
C GLU B 106 16.90 27.22 1.44
N PRO B 107 18.10 27.16 2.01
CA PRO B 107 18.89 25.92 1.97
C PRO B 107 18.12 24.78 2.62
N LEU B 108 18.23 23.61 2.02
CA LEU B 108 17.57 22.42 2.50
C LEU B 108 18.33 21.21 2.03
N ILE B 109 18.02 20.07 2.66
CA ILE B 109 18.52 18.78 2.27
C ILE B 109 17.54 18.16 1.30
N VAL B 110 18.06 17.61 0.22
CA VAL B 110 17.22 16.89 -0.77
C VAL B 110 17.74 15.48 -0.91
N VAL B 111 16.84 14.51 -0.72
CA VAL B 111 17.22 13.12 -0.78
C VAL B 111 16.56 12.45 -1.97
N THR B 112 17.31 11.66 -2.72
CA THR B 112 16.75 10.91 -3.85
C THR B 112 16.95 9.42 -3.58
N PRO B 113 15.92 8.77 -3.04
CA PRO B 113 15.94 7.34 -2.78
C PRO B 113 15.45 6.57 -4.03
N THR B 114 15.13 5.29 -3.87
CA THR B 114 14.59 4.51 -4.96
C THR B 114 13.50 3.56 -4.47
N PHE B 115 12.54 3.33 -5.36
CA PHE B 115 11.54 2.28 -5.15
C PHE B 115 11.92 0.95 -5.77
N ASN B 116 13.13 0.83 -6.29
CA ASN B 116 13.68 -0.42 -6.78
C ASN B 116 14.20 -1.24 -5.61
N GLY B 117 14.42 -2.53 -5.84
CA GLY B 117 15.10 -3.42 -4.91
C GLY B 117 14.20 -4.25 -4.05
N GLY B 118 14.60 -5.50 -3.83
CA GLY B 118 13.85 -6.39 -2.97
C GLY B 118 12.39 -6.48 -3.36
N ASN B 119 11.52 -6.34 -2.37
CA ASN B 119 10.09 -6.34 -2.53
C ASN B 119 9.52 -4.97 -2.82
N CYS B 120 10.38 -3.98 -3.02
CA CYS B 120 9.89 -2.61 -3.09
C CYS B 120 9.22 -2.31 -4.40
N THR B 121 8.18 -1.50 -4.34
CA THR B 121 7.50 -0.96 -5.50
C THR B 121 7.14 0.51 -5.28
N ALA B 122 6.75 1.19 -6.34
CA ALA B 122 6.30 2.56 -6.23
C ALA B 122 5.17 2.72 -5.22
N GLN B 123 4.29 1.72 -5.17
CA GLN B 123 3.15 1.74 -4.32
C GLN B 123 3.48 1.46 -2.86
N ASN B 124 4.43 0.58 -2.57
CA ASN B 124 4.71 0.17 -1.19
C ASN B 124 5.92 0.84 -0.54
N PHE B 125 6.63 1.70 -1.29
CA PHE B 125 7.85 2.30 -0.79
C PHE B 125 7.65 3.02 0.52
N TYR B 126 6.47 3.59 0.75
CA TYR B 126 6.23 4.34 1.97
C TYR B 126 6.59 3.58 3.25
N GLN B 127 6.47 2.26 3.25
CA GLN B 127 6.79 1.52 4.46
C GLN B 127 8.28 1.57 4.78
N GLU B 128 9.10 1.28 3.78
CA GLU B 128 10.54 1.43 3.87
C GLU B 128 10.93 2.88 4.21
N PHE B 129 10.22 3.83 3.61
CA PHE B 129 10.45 5.23 3.87
C PHE B 129 10.32 5.55 5.37
N ARG B 130 9.24 5.09 5.96
CA ARG B 130 8.96 5.34 7.36
C ARG B 130 9.95 4.67 8.29
N GLN B 131 10.21 3.39 8.03
CA GLN B 131 10.94 2.56 8.99
C GLN B 131 12.44 2.62 8.83
N ASN B 132 12.92 2.84 7.61
CA ASN B 132 14.34 2.73 7.29
C ASN B 132 14.94 4.03 6.77
N VAL B 133 14.31 4.66 5.77
CA VAL B 133 14.96 5.78 5.10
C VAL B 133 15.03 6.99 6.01
N ILE B 134 13.92 7.39 6.63
CA ILE B 134 13.95 8.54 7.48
C ILE B 134 14.94 8.37 8.64
N PRO B 135 14.87 7.30 9.44
CA PRO B 135 15.86 7.18 10.53
C PRO B 135 17.29 7.14 10.05
N PHE B 136 17.55 6.46 8.95
CA PHE B 136 18.91 6.37 8.43
C PHE B 136 19.46 7.75 8.04
N VAL B 137 18.70 8.49 7.23
CA VAL B 137 19.16 9.78 6.76
C VAL B 137 19.26 10.79 7.91
N GLU B 138 18.23 10.86 8.71
CA GLU B 138 18.07 11.92 9.69
C GLU B 138 18.82 11.65 10.99
N SER B 139 19.37 10.44 11.13
CA SER B 139 20.40 10.17 12.16
C SER B 139 21.76 10.80 11.82
N LYS B 140 22.02 10.94 10.52
CA LYS B 140 23.32 11.41 10.04
C LYS B 140 23.34 12.89 9.72
N TYR B 141 22.26 13.38 9.13
CA TYR B 141 22.17 14.73 8.62
C TYR B 141 21.15 15.54 9.40
N SER B 142 21.44 16.82 9.58
CA SER B 142 20.73 17.66 10.54
C SER B 142 19.44 18.27 10.06
N THR B 143 18.36 17.62 10.41
CA THR B 143 17.01 18.06 10.12
C THR B 143 16.37 18.65 11.36
N TYR B 144 15.08 18.93 11.33
CA TYR B 144 14.39 19.38 12.52
C TYR B 144 14.07 18.24 13.50
N ALA B 145 14.29 17.00 13.11
CA ALA B 145 14.09 15.86 14.01
C ALA B 145 15.11 15.90 15.17
N GLU B 146 14.60 15.97 16.39
CA GLU B 146 15.46 16.01 17.59
C GLU B 146 15.93 14.59 17.92
N SER B 147 15.11 13.60 17.57
CA SER B 147 15.46 12.18 17.63
C SER B 147 14.80 11.53 16.42
N THR B 148 15.20 10.33 16.09
CA THR B 148 14.61 9.59 14.99
C THR B 148 13.70 8.46 15.44
N THR B 149 13.22 8.57 16.67
CA THR B 149 12.10 7.74 17.09
C THR B 149 10.86 8.17 16.32
N PRO B 150 9.82 7.35 16.31
CA PRO B 150 8.55 7.78 15.70
C PRO B 150 8.06 9.12 16.24
N GLN B 151 8.18 9.32 17.55
CA GLN B 151 7.79 10.59 18.15
C GLN B 151 8.62 11.79 17.64
N GLY B 152 9.93 11.60 17.52
CA GLY B 152 10.81 12.65 17.04
C GLY B 152 10.55 12.99 15.58
N ILE B 153 10.24 11.98 14.78
CA ILE B 153 9.91 12.20 13.38
C ILE B 153 8.57 12.92 13.26
N ALA B 154 7.55 12.46 14.00
CA ALA B 154 6.25 13.11 13.96
C ALA B 154 6.33 14.57 14.43
N ALA B 155 7.17 14.84 15.43
CA ALA B 155 7.29 16.18 15.98
C ALA B 155 7.93 17.17 15.03
N SER B 156 8.60 16.68 13.99
CA SER B 156 9.32 17.51 13.03
C SER B 156 8.65 17.50 11.65
N ARG B 157 7.43 16.99 11.57
CA ARG B 157 6.74 16.77 10.28
C ARG B 157 6.54 18.03 9.46
N MET B 158 6.42 19.19 10.09
CA MET B 158 6.23 20.43 9.35
C MET B 158 7.45 20.80 8.52
N HIS B 159 8.57 20.12 8.75
CA HIS B 159 9.80 20.45 8.06
C HIS B 159 10.29 19.31 7.19
N ARG B 160 9.34 18.47 6.76
CA ARG B 160 9.62 17.29 5.97
C ARG B 160 8.63 17.27 4.80
N GLY B 161 9.16 16.98 3.63
CA GLY B 161 8.34 16.90 2.42
C GLY B 161 8.70 15.71 1.58
N PHE B 162 7.77 15.39 0.68
CA PHE B 162 7.92 14.25 -0.23
C PHE B 162 7.34 14.62 -1.59
N GLY B 163 8.06 14.31 -2.64
CA GLY B 163 7.58 14.49 -3.98
C GLY B 163 8.15 13.47 -4.89
N GLY B 164 7.72 13.53 -6.15
CA GLY B 164 8.16 12.56 -7.11
C GLY B 164 7.46 12.66 -8.45
N PHE B 165 8.07 12.07 -9.47
CA PHE B 165 7.63 12.17 -10.86
C PHE B 165 7.09 10.85 -11.36
N ALA B 166 5.91 10.92 -11.96
CA ALA B 166 5.33 9.83 -12.73
C ALA B 166 4.99 8.68 -11.82
N MET B 167 5.60 7.50 -11.95
CA MET B 167 5.37 6.52 -10.88
C MET B 167 5.87 7.01 -9.53
N GLY B 168 6.82 7.92 -9.48
CA GLY B 168 7.23 8.56 -8.23
C GLY B 168 6.20 9.55 -7.72
N GLY B 169 5.36 10.07 -8.62
CA GLY B 169 4.19 10.83 -8.20
C GLY B 169 3.18 9.93 -7.51
N LEU B 170 2.94 8.75 -8.09
CA LEU B 170 2.14 7.74 -7.42
C LEU B 170 2.73 7.43 -6.03
N THR B 171 4.05 7.25 -5.94
CA THR B 171 4.68 7.02 -4.65
C THR B 171 4.30 8.11 -3.67
N THR B 172 4.34 9.37 -4.14
CA THR B 172 4.02 10.53 -3.32
C THR B 172 2.63 10.46 -2.75
N TRP B 173 1.66 10.09 -3.58
CA TRP B 173 0.30 9.98 -3.08
C TRP B 173 0.16 8.88 -2.02
N TYR B 174 0.80 7.74 -2.23
CA TYR B 174 0.77 6.68 -1.22
C TYR B 174 1.53 7.09 0.05
N VAL B 175 2.60 7.88 -0.09
CA VAL B 175 3.26 8.43 1.11
C VAL B 175 2.32 9.36 1.84
N MET B 176 1.59 10.21 1.12
CA MET B 176 0.66 11.12 1.77
C MET B 176 -0.40 10.39 2.56
N VAL B 177 -1.04 9.41 1.96
CA VAL B 177 -2.14 8.71 2.58
CA VAL B 177 -2.16 8.78 2.63
C VAL B 177 -1.68 7.92 3.80
N ASN B 178 -0.45 7.40 3.74
CA ASN B 178 0.09 6.54 4.80
C ASN B 178 1.08 7.17 5.78
N CYS B 179 1.46 8.43 5.53
CA CYS B 179 2.53 9.05 6.29
C CYS B 179 2.24 10.49 6.63
N LEU B 180 0.97 10.89 6.73
CA LEU B 180 0.66 12.27 7.15
C LEU B 180 1.24 12.59 8.52
N ASP B 181 1.37 11.58 9.37
CA ASP B 181 1.98 11.77 10.68
C ASP B 181 3.41 12.24 10.63
N TYR B 182 4.13 11.90 9.56
CA TYR B 182 5.55 12.20 9.40
C TYR B 182 5.87 13.31 8.41
N VAL B 183 4.94 13.63 7.49
CA VAL B 183 5.26 14.52 6.37
C VAL B 183 4.13 15.53 6.18
N ALA B 184 4.47 16.82 6.04
CA ALA B 184 3.49 17.86 5.86
C ALA B 184 3.37 18.39 4.45
N TYR B 185 4.43 18.30 3.63
CA TYR B 185 4.43 18.91 2.31
C TYR B 185 4.58 17.86 1.25
N PHE B 186 3.74 17.95 0.22
CA PHE B 186 3.66 16.93 -0.82
C PHE B 186 3.74 17.53 -2.20
N MET B 187 4.57 16.97 -3.08
CA MET B 187 4.78 17.49 -4.43
C MET B 187 4.65 16.39 -5.47
N PRO B 188 3.42 15.92 -5.73
CA PRO B 188 3.20 14.92 -6.77
C PRO B 188 3.32 15.53 -8.17
N LEU B 189 4.18 14.99 -9.01
CA LEU B 189 4.47 15.54 -10.32
C LEU B 189 4.06 14.50 -11.38
N SER B 190 3.12 14.87 -12.24
CA SER B 190 2.74 14.05 -13.38
C SER B 190 2.42 12.60 -13.02
N GLY B 191 1.63 12.44 -11.97
CA GLY B 191 1.14 11.17 -11.56
C GLY B 191 -0.07 11.35 -10.68
N ASP B 192 -1.06 10.47 -10.86
CA ASP B 192 -2.24 10.45 -10.01
C ASP B 192 -2.17 9.32 -8.97
N TYR B 193 -3.14 9.33 -8.07
CA TYR B 193 -3.27 8.36 -6.98
C TYR B 193 -4.15 7.22 -7.46
N TRP B 194 -3.65 6.00 -7.48
N TRP B 194 -3.56 6.03 -7.58
CA TRP B 194 -4.39 4.90 -8.14
CA TRP B 194 -4.29 4.85 -8.04
C TRP B 194 -5.43 4.17 -7.25
C TRP B 194 -4.80 4.09 -6.84
N TYR B 195 -5.60 4.59 -6.02
N TYR B 195 -5.88 4.57 -6.30
CA TYR B 195 -6.57 3.96 -5.13
CA TYR B 195 -6.61 3.92 -5.22
C TYR B 195 -7.98 4.50 -5.32
N GLY B 196 -8.75 3.83 -6.16
CA GLY B 196 -10.14 4.19 -6.32
C GLY B 196 -10.62 4.11 -7.75
N ASN B 197 -11.87 3.68 -7.90
CA ASN B 197 -12.49 3.50 -9.19
C ASN B 197 -13.13 4.75 -9.77
N SER B 198 -13.07 5.83 -9.02
CA SER B 198 -13.56 7.13 -9.48
C SER B 198 -12.70 8.20 -8.83
N PRO B 199 -12.71 9.42 -9.35
CA PRO B 199 -11.97 10.50 -8.67
C PRO B 199 -12.47 10.74 -7.25
N GLN B 200 -13.76 10.53 -7.01
CA GLN B 200 -14.32 10.68 -5.68
C GLN B 200 -13.77 9.67 -4.71
N ASP B 201 -13.57 8.42 -5.14
CA ASP B 201 -12.97 7.40 -4.29
C ASP B 201 -11.56 7.85 -3.91
N LYS B 202 -10.81 8.38 -4.87
CA LYS B 202 -9.45 8.84 -4.60
C LYS B 202 -9.44 9.96 -3.57
N ALA B 203 -10.26 10.97 -3.81
CA ALA B 203 -10.36 12.11 -2.91
C ALA B 203 -10.83 11.69 -1.53
N ASN B 204 -11.81 10.78 -1.47
CA ASN B 204 -12.31 10.32 -0.18
C ASN B 204 -11.28 9.56 0.64
N SER B 205 -10.42 8.81 -0.03
CA SER B 205 -9.33 8.13 0.64
C SER B 205 -8.37 9.13 1.27
N ILE B 206 -8.03 10.17 0.51
CA ILE B 206 -7.17 11.21 1.04
C ILE B 206 -7.85 11.90 2.22
N ALA B 207 -9.13 12.21 2.06
CA ALA B 207 -9.89 12.85 3.15
C ALA B 207 -9.90 11.99 4.40
N GLU B 208 -10.11 10.70 4.23
CA GLU B 208 -10.16 9.82 5.37
C GLU B 208 -8.82 9.71 6.06
N ALA B 209 -7.70 9.74 5.30
CA ALA B 209 -6.38 9.76 5.91
C ALA B 209 -6.19 11.05 6.73
N ILE B 210 -6.64 12.17 6.18
CA ILE B 210 -6.57 13.44 6.89
C ILE B 210 -7.40 13.37 8.20
N ASN B 211 -8.62 12.84 8.10
CA ASN B 211 -9.47 12.69 9.28
C ASN B 211 -8.78 11.84 10.35
N ARG B 212 -8.22 10.70 9.94
CA ARG B 212 -7.55 9.79 10.87
C ARG B 212 -6.31 10.44 11.54
N SER B 213 -5.62 11.31 10.81
CA SER B 213 -4.42 11.95 11.35
C SER B 213 -4.71 12.95 12.45
N GLY B 214 -5.94 13.49 12.45
CA GLY B 214 -6.33 14.54 13.35
C GLY B 214 -5.80 15.92 13.02
N LEU B 215 -5.04 16.05 11.92
CA LEU B 215 -4.41 17.32 11.57
C LEU B 215 -5.38 18.39 11.13
N SER B 216 -5.04 19.65 11.40
CA SER B 216 -5.78 20.75 10.83
C SER B 216 -5.37 21.02 9.40
N LYS B 217 -6.21 21.78 8.71
CA LYS B 217 -5.97 22.20 7.35
C LYS B 217 -4.72 23.08 7.18
N ARG B 218 -4.17 23.59 8.28
CA ARG B 218 -2.93 24.37 8.26
C ARG B 218 -1.67 23.53 8.47
N GLU B 219 -1.83 22.21 8.44
CA GLU B 219 -0.78 21.27 8.80
C GLU B 219 -0.44 20.25 7.71
N TYR B 220 -1.02 20.44 6.52
CA TYR B 220 -0.60 19.62 5.35
C TYR B 220 -0.84 20.45 4.10
N PHE B 221 -0.02 20.22 3.09
CA PHE B 221 0.06 21.06 1.92
C PHE B 221 0.35 20.21 0.72
N VAL B 222 -0.41 20.40 -0.34
CA VAL B 222 -0.20 19.66 -1.59
C VAL B 222 0.01 20.62 -2.75
N PHE B 223 1.19 20.58 -3.36
CA PHE B 223 1.50 21.38 -4.55
C PHE B 223 1.77 20.36 -5.64
N ALA B 224 0.73 20.07 -6.40
CA ALA B 224 0.79 19.15 -7.52
C ALA B 224 1.18 19.89 -8.80
N ALA B 225 1.79 19.20 -9.76
CA ALA B 225 2.14 19.84 -11.02
C ALA B 225 2.21 18.84 -12.13
N THR B 226 1.90 19.33 -13.34
CA THR B 226 2.15 18.58 -14.56
C THR B 226 2.24 19.55 -15.73
N GLY B 227 2.36 19.01 -16.93
CA GLY B 227 2.41 19.80 -18.15
C GLY B 227 1.14 19.64 -18.94
N SER B 228 0.81 20.67 -19.71
CA SER B 228 -0.42 20.59 -20.49
C SER B 228 -0.30 19.56 -21.61
N GLU B 229 0.90 19.18 -21.99
CA GLU B 229 1.14 18.12 -22.98
C GLU B 229 1.61 16.83 -22.36
N ASP B 230 1.44 16.70 -21.05
CA ASP B 230 1.86 15.53 -20.31
C ASP B 230 0.70 14.53 -20.23
N ILE B 231 0.96 13.31 -20.69
CA ILE B 231 -0.03 12.26 -20.67
C ILE B 231 -0.71 12.09 -19.32
N ALA B 232 0.00 12.34 -18.22
CA ALA B 232 -0.58 12.12 -16.91
C ALA B 232 -1.62 13.16 -16.52
N TYR B 233 -1.69 14.27 -17.24
CA TYR B 233 -2.66 15.31 -16.95
C TYR B 233 -4.08 14.75 -17.01
N ALA B 234 -4.32 13.85 -17.97
CA ALA B 234 -5.66 13.29 -18.15
C ALA B 234 -6.19 12.60 -16.91
N ASN B 235 -5.31 11.98 -16.14
CA ASN B 235 -5.72 11.30 -14.92
C ASN B 235 -5.58 12.17 -13.67
N MET B 236 -4.64 13.09 -13.68
CA MET B 236 -4.51 13.99 -12.54
C MET B 236 -5.66 14.97 -12.40
N ASN B 237 -6.09 15.55 -13.51
CA ASN B 237 -7.04 16.65 -13.42
C ASN B 237 -8.37 16.26 -12.73
N PRO B 238 -9.00 15.14 -13.10
CA PRO B 238 -10.20 14.75 -12.38
C PRO B 238 -10.01 14.54 -10.90
N GLN B 239 -8.87 13.98 -10.50
CA GLN B 239 -8.57 13.83 -9.08
C GLN B 239 -8.45 15.17 -8.39
N ILE B 240 -7.72 16.09 -9.02
CA ILE B 240 -7.54 17.41 -8.43
C ILE B 240 -8.90 18.09 -8.25
N GLU B 241 -9.76 17.99 -9.26
CA GLU B 241 -11.09 18.61 -9.15
C GLU B 241 -11.91 18.00 -8.01
N ALA B 242 -11.85 16.69 -7.84
CA ALA B 242 -12.56 16.05 -6.74
C ALA B 242 -11.99 16.49 -5.38
N MET B 243 -10.66 16.63 -5.30
CA MET B 243 -10.04 17.10 -4.06
C MET B 243 -10.45 18.55 -3.72
N LYS B 244 -10.58 19.39 -4.73
CA LYS B 244 -10.94 20.80 -4.52
C LYS B 244 -12.30 20.92 -3.82
N ALA B 245 -13.18 19.98 -4.13
CA ALA B 245 -14.52 19.95 -3.56
C ALA B 245 -14.56 19.48 -2.10
N LEU B 246 -13.50 18.89 -1.58
CA LEU B 246 -13.43 18.49 -0.20
C LEU B 246 -13.25 19.71 0.70
N PRO B 247 -13.86 19.74 1.89
CA PRO B 247 -13.54 20.81 2.84
C PRO B 247 -12.09 20.79 3.35
N HIS B 248 -11.39 19.69 3.16
CA HIS B 248 -10.03 19.47 3.66
C HIS B 248 -8.98 20.30 2.94
N PHE B 249 -9.34 20.82 1.77
CA PHE B 249 -8.41 21.59 0.94
C PHE B 249 -8.96 22.96 0.60
N ASP B 250 -8.12 23.97 0.79
CA ASP B 250 -8.38 25.36 0.39
C ASP B 250 -7.41 25.66 -0.76
N TYR B 251 -7.95 25.85 -1.95
CA TYR B 251 -7.18 25.92 -3.18
C TYR B 251 -6.59 27.31 -3.36
N THR B 252 -5.26 27.37 -3.38
CA THR B 252 -4.47 28.56 -3.61
C THR B 252 -3.01 28.18 -3.46
N SER B 253 -2.10 28.83 -4.18
CA SER B 253 -0.68 28.63 -3.93
C SER B 253 -0.16 29.46 -2.76
N ASP B 254 -0.99 30.35 -2.21
CA ASP B 254 -0.56 31.12 -1.05
C ASP B 254 -0.79 30.26 0.17
N PHE B 255 0.25 29.54 0.59
CA PHE B 255 0.14 28.59 1.68
C PHE B 255 0.06 29.27 3.05
N SER B 256 0.11 30.60 3.09
CA SER B 256 -0.29 31.31 4.31
C SER B 256 -1.81 31.37 4.46
N LYS B 257 -2.54 31.06 3.40
N LYS B 257 -2.56 31.04 3.39
CA LYS B 257 -3.99 31.10 3.43
CA LYS B 257 -4.04 31.15 3.32
C LYS B 257 -4.59 29.72 3.30
C LYS B 257 -4.79 29.87 2.91
N GLY B 258 -4.07 28.92 2.37
CA GLY B 258 -4.65 27.64 2.01
C GLY B 258 -3.53 26.63 1.86
N ASN B 259 -3.86 25.54 1.20
CA ASN B 259 -3.02 24.37 1.29
C ASN B 259 -2.98 23.46 0.07
N PHE B 260 -3.45 23.93 -1.09
CA PHE B 260 -3.60 23.07 -2.24
C PHE B 260 -3.47 23.82 -3.53
N TYR B 261 -2.61 23.37 -4.43
CA TYR B 261 -2.46 24.02 -5.72
C TYR B 261 -2.05 22.98 -6.77
N PHE B 262 -2.41 23.26 -8.02
CA PHE B 262 -2.10 22.42 -9.17
C PHE B 262 -1.54 23.30 -10.28
N LEU B 263 -0.26 23.23 -10.47
CA LEU B 263 0.44 24.01 -11.49
C LEU B 263 0.47 23.23 -12.79
N VAL B 264 -0.03 23.85 -13.86
CA VAL B 264 -0.02 23.20 -15.17
C VAL B 264 0.82 24.03 -16.11
N ALA B 265 1.89 23.43 -16.62
CA ALA B 265 2.89 24.15 -17.41
C ALA B 265 2.49 24.07 -18.90
N PRO B 266 2.20 25.20 -19.54
CA PRO B 266 1.79 25.17 -20.95
C PRO B 266 2.86 24.58 -21.86
N GLY B 267 2.48 23.56 -22.63
CA GLY B 267 3.32 22.97 -23.64
C GLY B 267 4.26 21.87 -23.18
N ALA B 268 4.34 21.67 -21.86
CA ALA B 268 5.33 20.77 -21.32
C ALA B 268 4.88 19.31 -21.44
N THR B 269 5.81 18.44 -21.79
CA THR B 269 5.56 17.00 -21.96
C THR B 269 6.12 16.19 -20.80
N HIS B 270 5.86 14.88 -20.84
CA HIS B 270 6.23 13.95 -19.79
C HIS B 270 7.69 13.65 -19.88
N TRP B 271 8.53 14.55 -19.34
CA TRP B 271 9.97 14.50 -19.52
C TRP B 271 10.61 15.31 -18.40
N TRP B 272 11.66 14.75 -17.77
CA TRP B 272 12.41 15.46 -16.72
C TRP B 272 12.92 16.82 -17.17
N GLY B 273 13.16 17.02 -18.46
CA GLY B 273 13.63 18.30 -18.96
C GLY B 273 12.69 19.44 -18.58
N TYR B 274 11.39 19.15 -18.60
CA TYR B 274 10.38 20.06 -18.05
C TYR B 274 10.13 19.92 -16.55
N VAL B 275 10.02 18.69 -16.07
CA VAL B 275 9.58 18.44 -14.70
C VAL B 275 10.52 19.04 -13.66
N ARG B 276 11.82 19.09 -13.96
CA ARG B 276 12.75 19.72 -13.03
C ARG B 276 12.37 21.16 -12.73
N HIS B 277 11.80 21.85 -13.72
CA HIS B 277 11.35 23.22 -13.54
C HIS B 277 10.14 23.35 -12.63
N TYR B 278 9.33 22.30 -12.55
CA TYR B 278 8.23 22.30 -11.59
C TYR B 278 8.76 22.34 -10.17
N ILE B 279 9.84 21.62 -9.92
CA ILE B 279 10.48 21.62 -8.62
C ILE B 279 11.07 23.00 -8.34
N TYR B 280 11.73 23.60 -9.33
CA TYR B 280 12.19 24.97 -9.19
C TYR B 280 11.08 25.92 -8.80
N ASP B 281 9.92 25.76 -9.42
CA ASP B 281 8.79 26.66 -9.15
C ASP B 281 8.13 26.38 -7.81
N ALA B 282 8.01 25.12 -7.43
CA ALA B 282 7.21 24.71 -6.27
C ALA B 282 8.01 24.62 -4.97
N LEU B 283 9.25 24.16 -5.03
CA LEU B 283 10.03 23.97 -3.81
C LEU B 283 10.21 25.24 -3.01
N PRO B 284 10.36 26.42 -3.62
CA PRO B 284 10.39 27.66 -2.83
C PRO B 284 9.16 27.95 -2.01
N TYR B 285 8.05 27.31 -2.34
CA TYR B 285 6.79 27.49 -1.61
C TYR B 285 6.72 26.65 -0.33
N PHE B 286 7.62 25.69 -0.15
CA PHE B 286 7.54 24.74 0.96
C PHE B 286 8.24 25.25 2.23
N PHE B 287 7.72 24.75 3.34
CA PHE B 287 8.37 24.78 4.65
C PHE B 287 8.38 26.14 5.32
N HIS B 288 7.47 27.05 5.00
CA HIS B 288 7.42 28.34 5.71
C HIS B 288 6.30 28.35 6.74
N GLU B 289 5.37 27.41 6.69
CA GLU B 289 4.26 27.44 7.64
C GLU B 289 4.71 26.79 8.93
N LEU B 290 4.52 27.50 10.04
CA LEU B 290 5.07 27.06 11.33
C LEU B 290 6.62 26.88 11.28
N GLU B 291 7.31 27.68 10.44
CA GLU B 291 8.77 27.59 10.38
C GLU B 291 9.39 28.27 11.59
N HIS B 292 10.63 27.93 11.89
CA HIS B 292 11.25 28.37 13.11
C HIS B 292 12.06 29.65 12.94
N HIS B 293 12.36 30.06 11.71
CA HIS B 293 12.96 31.37 11.44
C HIS B 293 11.86 32.44 11.37
N HIS B 294 12.25 33.67 11.65
CA HIS B 294 11.36 34.85 11.58
C HIS B 294 11.43 35.44 10.15
N HIS B 295 10.51 34.99 9.28
CA HIS B 295 10.47 35.39 7.88
C HIS B 295 9.12 36.00 7.56
N HIS B 296 9.12 36.90 6.59
CA HIS B 296 7.90 37.50 6.09
C HIS B 296 7.72 37.09 4.63
N HIS B 297 6.73 36.27 4.36
CA HIS B 297 6.47 35.79 3.00
C HIS B 297 5.11 36.26 2.50
O3 SYR C . -17.33 -2.46 0.81
C8 SYR C . -17.97 -2.18 -0.15
O4 SYR C . -19.20 -1.69 -0.08
C10 SYR C . -19.79 -1.54 1.21
C6 SYR C . -17.47 -2.37 -1.54
C5 SYR C . -16.16 -2.76 -1.75
C4 SYR C . -15.64 -2.95 -3.04
O2 SYR C . -14.30 -3.35 -3.30
C7 SYR C . -13.46 -3.41 -2.18
C1 SYR C . -18.29 -2.15 -2.64
C2 SYR C . -17.81 -2.33 -3.96
O5 SYR C . -18.59 -2.12 -5.10
C9 SYR C . -19.85 -1.50 -4.90
C3 SYR C . -16.48 -2.73 -4.14
O1 SYR C . -16.00 -2.93 -5.43
C1 GOL D . -20.16 -4.94 4.26
O1 GOL D . -19.29 -4.21 3.45
C2 GOL D . -19.92 -4.58 5.71
O2 GOL D . -18.63 -4.92 6.07
C3 GOL D . -20.90 -5.32 6.60
O3 GOL D . -20.65 -6.71 6.61
C1 GOL E . -2.13 -29.99 6.40
O1 GOL E . -1.23 -30.46 7.42
C2 GOL E . -3.54 -29.80 6.98
O2 GOL E . -3.56 -28.78 8.01
C3 GOL E . -4.11 -31.14 7.48
O3 GOL E . -4.16 -32.13 6.45
C ACT F . -2.14 -33.27 10.46
O ACT F . -0.95 -33.62 10.38
OXT ACT F . -3.10 -34.03 10.19
CH3 ACT F . -2.45 -31.88 10.90
CD CD G . -20.36 -31.61 13.57
CD CD H . -5.17 -32.58 0.83
CD CD I . 9.14 -21.88 -7.80
CD CD J . 5.89 -27.00 1.96
CD CD K . -0.75 -37.29 6.34
CD CD L . -1.39 -35.80 9.53
CD CD M . -1.16 -32.18 -4.33
CD CD N . 4.94 -22.28 15.01
CD CD O . 19.28 10.46 17.57
O3 SYR P . 3.47 7.33 -17.93
C8 SYR P . 3.24 7.19 -16.76
O4 SYR P . 4.12 6.66 -15.92
C10 SYR P . 5.38 6.27 -16.43
C6 SYR P . 1.96 7.60 -16.14
C5 SYR P . 1.78 7.62 -14.76
C4 SYR P . 0.57 8.01 -14.17
O2 SYR P . 0.36 8.04 -12.77
C7 SYR P . 1.36 7.46 -11.98
C1 SYR P . 0.88 7.97 -16.95
C2 SYR P . -0.34 8.36 -16.40
O5 SYR P . -1.46 8.74 -17.18
C9 SYR P . -1.33 8.56 -18.57
C3 SYR P . -0.49 8.39 -15.01
O1 SYR P . -1.70 8.79 -14.45
C1 GOL Q . 8.70 8.65 -17.24
O1 GOL Q . 7.60 8.09 -16.59
C2 GOL Q . 9.95 7.82 -16.95
O2 GOL Q . 10.14 7.74 -15.59
C3 GOL Q . 11.21 8.40 -17.56
O3 GOL Q . 11.49 9.69 -17.04
C1 GOL R . 22.90 14.70 13.17
O1 GOL R . 23.41 15.48 14.25
C2 GOL R . 21.38 14.61 13.30
O2 GOL R . 20.85 15.90 13.51
C3 GOL R . 20.93 13.68 14.42
O3 GOL R . 19.50 13.54 14.40
C ACT S . 19.64 27.72 8.91
O ACT S . 19.44 27.72 10.14
OXT ACT S . 19.86 28.78 8.25
CH3 ACT S . 19.64 26.42 8.18
CD CD T . 25.11 30.11 -8.90
CD CD U . 10.81 30.94 5.18
CD CD V . -2.25 19.97 15.04
CD CD W . 8.58 22.51 14.10
CD CD X . 16.67 32.10 11.01
CD CD Y . 19.42 30.06 10.31
CD CD Z . 18.54 15.87 14.38
CD CD AA . 5.26 31.15 8.54
#